data_4WJ7
#
_entry.id   4WJ7
#
_cell.length_a   110.938
_cell.length_b   110.938
_cell.length_c   315.255
_cell.angle_alpha   90.000
_cell.angle_beta   90.000
_cell.angle_gamma   120.000
#
_symmetry.space_group_name_H-M   'P 65 2 2'
#
loop_
_entity.id
_entity.type
_entity.pdbx_description
1 polymer Malcavernin
2 polymer 'KRIT1 NPxY/F3'
3 water water
#
loop_
_entity_poly.entity_id
_entity_poly.type
_entity_poly.pdbx_seq_one_letter_code
_entity_poly.pdbx_strand_id
1 'polypeptide(L)'
;GSERVEPDRLLSDYIEKEVKYLGQLTSIPGYLNPSSRTEILHFIDNAKRAHQLPGHLTQEHDAVLSLSAYNVKLAWRDGE
DIILRVPIHDIAAVSYVRDDAAHLVVLKTAQDPGISPSQSLCAESSRGLSAGSLSESAVGPVEACCLVILAAESKVAAEE
LCCLLGQVFQVVYTESTIDF
;
A,B,C,D
2 'polypeptide(L)' VDKVVINPYFGLG W,X,Y,Z
#
# COMPACT_ATOMS: atom_id res chain seq x y z
N PRO A 7 4.33 -16.23 -8.51
CA PRO A 7 3.39 -15.13 -8.19
C PRO A 7 2.16 -15.11 -9.11
N ASP A 8 1.22 -14.21 -8.83
CA ASP A 8 0.13 -13.86 -9.75
C ASP A 8 -0.47 -12.54 -9.27
N ARG A 9 0.38 -11.74 -8.62
CA ARG A 9 0.03 -10.40 -8.15
C ARG A 9 0.32 -9.38 -9.23
N LEU A 10 0.41 -9.84 -10.48
CA LEU A 10 0.75 -8.97 -11.59
C LEU A 10 -0.45 -8.15 -12.05
N LEU A 11 -1.64 -8.57 -11.63
CA LEU A 11 -2.86 -7.84 -11.98
C LEU A 11 -3.17 -6.77 -10.94
N SER A 12 -2.97 -7.12 -9.67
CA SER A 12 -3.37 -6.25 -8.56
C SER A 12 -2.22 -5.46 -7.96
N ASP A 13 -0.99 -5.88 -8.25
CA ASP A 13 0.17 -5.18 -7.72
C ASP A 13 1.25 -5.02 -8.79
N TYR A 14 2.41 -4.50 -8.38
CA TYR A 14 3.53 -4.29 -9.27
C TYR A 14 4.82 -4.79 -8.62
N ILE A 15 5.82 -5.09 -9.45
CA ILE A 15 7.11 -5.53 -8.93
C ILE A 15 8.18 -4.56 -9.43
N GLU A 16 9.14 -4.25 -8.57
CA GLU A 16 10.20 -3.35 -8.95
C GLU A 16 11.56 -4.04 -8.92
N LYS A 17 12.34 -3.78 -9.96
CA LYS A 17 13.67 -4.36 -10.11
C LYS A 17 14.75 -3.32 -10.36
N GLU A 18 15.97 -3.71 -10.03
CA GLU A 18 17.14 -2.86 -10.16
C GLU A 18 17.74 -2.96 -11.55
N VAL A 19 17.78 -1.86 -12.29
CA VAL A 19 18.40 -1.91 -13.62
C VAL A 19 19.17 -0.64 -13.94
N LYS A 20 19.91 -0.72 -15.05
CA LYS A 20 20.54 0.46 -15.63
C LYS A 20 19.90 0.75 -16.98
N TYR A 21 19.58 2.02 -17.22
CA TYR A 21 18.97 2.40 -18.48
C TYR A 21 20.02 3.00 -19.40
N LEU A 22 20.41 2.24 -20.43
CA LEU A 22 21.43 2.70 -21.37
C LEU A 22 20.83 3.64 -22.40
N GLY A 23 19.65 3.29 -22.91
CA GLY A 23 18.97 4.14 -23.86
C GLY A 23 17.93 3.41 -24.68
N GLN A 24 17.33 4.12 -25.62
CA GLN A 24 16.33 3.54 -26.51
C GLN A 24 16.76 3.71 -27.96
N LEU A 25 16.84 2.60 -28.68
CA LEU A 25 17.20 2.64 -30.09
C LEU A 25 15.94 2.63 -30.94
N THR A 26 15.81 3.61 -31.81
CA THR A 26 14.62 3.74 -32.65
C THR A 26 14.93 3.51 -34.11
N SER A 27 13.87 3.34 -34.91
CA SER A 27 14.00 3.09 -36.35
C SER A 27 14.80 1.82 -36.66
N ILE A 28 14.65 0.82 -35.80
CA ILE A 28 15.27 -0.49 -36.02
C ILE A 28 14.33 -1.34 -36.85
N PRO A 29 14.87 -2.06 -37.84
CA PRO A 29 14.09 -2.96 -38.71
C PRO A 29 13.19 -3.90 -37.90
N GLY A 30 11.91 -3.93 -38.26
CA GLY A 30 10.92 -4.69 -37.53
C GLY A 30 11.13 -6.20 -37.59
N TYR A 31 11.93 -6.65 -38.54
CA TYR A 31 12.19 -8.07 -38.71
C TYR A 31 13.34 -8.55 -37.83
N LEU A 32 13.81 -7.68 -36.93
CA LEU A 32 14.91 -8.03 -36.04
C LEU A 32 14.55 -9.25 -35.21
N ASN A 33 15.44 -10.23 -35.23
CA ASN A 33 15.25 -11.46 -34.48
C ASN A 33 15.80 -11.31 -33.06
N PRO A 34 14.91 -11.33 -32.06
CA PRO A 34 15.29 -11.22 -30.65
C PRO A 34 16.07 -12.44 -30.16
N SER A 35 16.12 -13.49 -30.98
CA SER A 35 16.90 -14.67 -30.68
C SER A 35 18.33 -14.53 -31.22
N SER A 36 18.57 -13.45 -31.95
CA SER A 36 19.87 -13.22 -32.58
C SER A 36 20.76 -12.28 -31.79
N ARG A 37 21.86 -12.82 -31.27
CA ARG A 37 22.83 -12.01 -30.54
C ARG A 37 23.56 -11.04 -31.48
N THR A 38 23.91 -11.52 -32.66
CA THR A 38 24.67 -10.73 -33.63
C THR A 38 23.94 -9.48 -34.11
N GLU A 39 22.63 -9.58 -34.34
CA GLU A 39 21.84 -8.45 -34.81
C GLU A 39 21.70 -7.37 -33.72
N ILE A 40 21.26 -7.81 -32.55
CA ILE A 40 21.08 -6.92 -31.40
C ILE A 40 22.38 -6.21 -31.10
N LEU A 41 23.46 -6.98 -31.02
CA LEU A 41 24.78 -6.40 -30.75
C LEU A 41 25.26 -5.53 -31.90
N HIS A 42 24.78 -5.80 -33.11
CA HIS A 42 25.11 -4.98 -34.26
C HIS A 42 24.57 -3.57 -34.05
N PHE A 43 23.28 -3.50 -33.74
CA PHE A 43 22.64 -2.19 -33.54
C PHE A 43 23.15 -1.50 -32.28
N ILE A 44 23.48 -2.28 -31.26
CA ILE A 44 24.02 -1.72 -30.02
C ILE A 44 25.41 -1.13 -30.22
N ASP A 45 26.30 -1.88 -30.86
CA ASP A 45 27.65 -1.41 -31.13
C ASP A 45 27.63 -0.20 -32.05
N ASN A 46 26.75 -0.23 -33.05
CA ASN A 46 26.57 0.92 -33.93
C ASN A 46 26.12 2.14 -33.11
N ALA A 47 25.21 1.91 -32.17
CA ALA A 47 24.71 2.98 -31.31
C ALA A 47 25.79 3.52 -30.39
N LYS A 48 26.76 2.67 -30.03
CA LYS A 48 27.86 3.08 -29.16
C LYS A 48 28.88 3.91 -29.91
N ARG A 49 29.13 3.54 -31.17
CA ARG A 49 30.04 4.31 -32.00
C ARG A 49 29.48 5.69 -32.33
N ALA A 50 28.15 5.80 -32.33
CA ALA A 50 27.49 7.08 -32.59
C ALA A 50 27.19 7.83 -31.28
N HIS A 51 27.67 7.27 -30.17
CA HIS A 51 27.49 7.88 -28.84
C HIS A 51 26.02 8.06 -28.45
N GLN A 52 25.16 7.20 -28.98
CA GLN A 52 23.74 7.22 -28.61
C GLN A 52 23.53 6.35 -27.37
N LEU A 53 24.55 5.57 -27.05
CA LEU A 53 24.57 4.76 -25.85
C LEU A 53 25.89 4.97 -25.13
N PRO A 54 25.89 4.87 -23.79
CA PRO A 54 27.17 5.06 -23.09
C PRO A 54 28.04 3.82 -23.27
N GLY A 55 29.35 3.98 -23.23
CA GLY A 55 30.26 2.86 -23.36
C GLY A 55 30.36 2.01 -22.11
N HIS A 56 30.48 2.67 -20.96
CA HIS A 56 30.64 1.99 -19.69
C HIS A 56 29.58 2.47 -18.70
N LEU A 57 29.22 1.62 -17.74
CA LEU A 57 28.11 1.92 -16.84
C LEU A 57 28.47 2.62 -15.53
N THR A 58 27.99 3.85 -15.40
CA THR A 58 28.07 4.58 -14.14
C THR A 58 26.75 4.39 -13.40
N GLN A 59 26.54 5.18 -12.36
CA GLN A 59 25.40 5.05 -11.48
C GLN A 59 24.46 6.20 -11.77
N GLU A 60 24.84 6.99 -12.78
CA GLU A 60 24.01 8.04 -13.33
C GLU A 60 22.96 7.37 -14.21
N HIS A 61 23.23 6.11 -14.55
CA HIS A 61 22.29 5.33 -15.34
C HIS A 61 21.61 4.34 -14.41
N ASP A 62 21.12 4.79 -13.26
CA ASP A 62 20.48 3.86 -12.34
C ASP A 62 19.01 4.13 -12.33
N ALA A 63 18.26 3.08 -12.69
CA ALA A 63 16.84 3.19 -12.84
C ALA A 63 16.11 2.03 -12.18
N VAL A 64 14.85 2.30 -11.86
CA VAL A 64 13.95 1.31 -11.33
C VAL A 64 13.01 0.88 -12.46
N LEU A 65 12.88 -0.43 -12.61
CA LEU A 65 11.93 -0.99 -13.56
C LEU A 65 10.73 -1.51 -12.79
N SER A 66 9.58 -0.87 -13.01
CA SER A 66 8.34 -1.30 -12.41
C SER A 66 7.55 -2.14 -13.40
N LEU A 67 7.20 -3.36 -12.98
CA LEU A 67 6.53 -4.29 -13.87
C LEU A 67 5.13 -4.64 -13.37
N SER A 68 4.16 -4.57 -14.28
CA SER A 68 2.78 -4.94 -13.98
C SER A 68 2.09 -5.43 -15.24
N ALA A 69 0.86 -5.89 -15.10
CA ALA A 69 0.10 -6.39 -16.25
C ALA A 69 -0.27 -5.27 -17.23
N TYR A 70 -0.22 -4.02 -16.76
CA TYR A 70 -0.59 -2.89 -17.61
C TYR A 70 0.56 -2.53 -18.54
N ASN A 71 1.74 -2.36 -17.94
CA ASN A 71 2.89 -1.87 -18.68
C ASN A 71 4.22 -2.13 -17.98
N VAL A 72 5.29 -1.80 -18.67
CA VAL A 72 6.62 -1.74 -18.07
C VAL A 72 6.97 -0.28 -17.95
N LYS A 73 7.39 0.14 -16.75
CA LYS A 73 7.71 1.54 -16.53
C LYS A 73 9.16 1.67 -16.09
N LEU A 74 9.88 2.60 -16.68
CA LEU A 74 11.25 2.84 -16.28
C LEU A 74 11.37 4.23 -15.71
N ALA A 75 12.05 4.36 -14.59
CA ALA A 75 12.19 5.68 -14.00
C ALA A 75 13.56 5.86 -13.37
N TRP A 76 14.12 7.06 -13.50
CA TRP A 76 15.42 7.34 -12.91
C TRP A 76 15.36 7.14 -11.41
N ARG A 77 16.53 7.03 -10.80
CA ARG A 77 16.62 6.81 -9.37
C ARG A 77 16.78 8.15 -8.68
N ASP A 78 17.32 9.11 -9.41
CA ASP A 78 17.56 10.45 -8.88
C ASP A 78 16.29 11.25 -8.59
N GLY A 79 15.53 11.55 -9.63
CA GLY A 79 14.36 12.41 -9.51
C GLY A 79 13.11 11.60 -9.69
N GLU A 80 13.33 10.35 -10.12
CA GLU A 80 12.27 9.37 -10.34
C GLU A 80 11.34 9.81 -11.48
N ASP A 81 11.78 10.80 -12.25
CA ASP A 81 11.06 11.23 -13.43
C ASP A 81 10.92 10.02 -14.34
N ILE A 82 9.80 9.91 -15.03
CA ILE A 82 9.55 8.73 -15.84
C ILE A 82 10.27 8.83 -17.17
N ILE A 83 11.07 7.81 -17.48
CA ILE A 83 11.87 7.81 -18.69
C ILE A 83 10.98 7.39 -19.85
N LEU A 84 10.33 6.24 -19.70
CA LEU A 84 9.41 5.73 -20.71
C LEU A 84 8.40 4.76 -20.11
N ARG A 85 7.26 4.62 -20.78
CA ARG A 85 6.21 3.70 -20.36
C ARG A 85 5.78 2.86 -21.55
N VAL A 86 6.02 1.56 -21.45
CA VAL A 86 5.66 0.65 -22.54
C VAL A 86 4.58 -0.33 -22.13
N PRO A 87 3.40 -0.23 -22.75
CA PRO A 87 2.32 -1.19 -22.53
C PRO A 87 2.78 -2.59 -22.93
N ILE A 88 2.29 -3.62 -22.24
CA ILE A 88 2.72 -4.98 -22.48
C ILE A 88 2.44 -5.47 -23.90
N HIS A 89 1.33 -5.01 -24.48
CA HIS A 89 0.99 -5.40 -25.84
C HIS A 89 1.89 -4.72 -26.87
N ASP A 90 2.66 -3.73 -26.42
CA ASP A 90 3.62 -3.06 -27.30
C ASP A 90 5.00 -3.68 -27.16
N ILE A 91 5.10 -4.74 -26.36
CA ILE A 91 6.37 -5.43 -26.21
C ILE A 91 6.39 -6.70 -27.05
N ALA A 92 7.30 -6.77 -28.01
CA ALA A 92 7.40 -7.93 -28.88
C ALA A 92 8.16 -9.04 -28.20
N ALA A 93 9.26 -8.70 -27.53
CA ALA A 93 10.07 -9.69 -26.85
C ALA A 93 11.04 -9.10 -25.83
N VAL A 94 11.67 -9.95 -25.04
CA VAL A 94 12.74 -9.55 -24.13
C VAL A 94 13.89 -10.55 -24.25
N SER A 95 15.10 -10.04 -24.38
CA SER A 95 16.27 -10.88 -24.60
C SER A 95 17.40 -10.60 -23.63
N TYR A 96 18.05 -11.65 -23.16
CA TYR A 96 19.25 -11.51 -22.33
C TYR A 96 20.49 -11.72 -23.19
N VAL A 97 21.23 -10.65 -23.43
CA VAL A 97 22.49 -10.73 -24.15
C VAL A 97 23.64 -10.47 -23.19
N ARG A 98 24.48 -11.49 -23.01
CA ARG A 98 25.62 -11.36 -22.12
C ARG A 98 26.83 -10.80 -22.85
N ASP A 99 27.14 -9.53 -22.59
CA ASP A 99 28.42 -8.99 -23.01
C ASP A 99 29.34 -9.21 -21.84
N ASP A 100 30.59 -8.76 -21.95
CA ASP A 100 31.63 -9.09 -20.98
C ASP A 100 31.25 -8.83 -19.51
N ALA A 101 31.08 -7.56 -19.17
CA ALA A 101 30.74 -7.19 -17.80
C ALA A 101 29.28 -6.78 -17.72
N ALA A 102 28.70 -6.46 -18.87
CA ALA A 102 27.32 -6.01 -18.95
C ALA A 102 26.38 -7.17 -19.22
N HIS A 103 25.39 -7.35 -18.34
CA HIS A 103 24.35 -8.33 -18.56
C HIS A 103 23.16 -7.62 -19.19
N LEU A 104 23.22 -7.43 -20.50
CA LEU A 104 22.23 -6.63 -21.21
C LEU A 104 20.86 -7.29 -21.25
N VAL A 105 19.83 -6.51 -20.93
CA VAL A 105 18.45 -6.95 -21.11
C VAL A 105 17.79 -6.01 -22.11
N VAL A 106 17.51 -6.54 -23.30
CA VAL A 106 16.98 -5.75 -24.39
C VAL A 106 15.50 -6.02 -24.65
N LEU A 107 14.70 -4.97 -24.61
CA LEU A 107 13.28 -5.10 -24.89
C LEU A 107 12.97 -4.71 -26.33
N LYS A 108 12.54 -5.68 -27.14
CA LYS A 108 12.05 -5.39 -28.47
C LYS A 108 10.60 -4.98 -28.35
N THR A 109 10.34 -3.71 -28.57
CA THR A 109 9.01 -3.14 -28.40
C THR A 109 8.50 -2.51 -29.68
N ALA A 110 7.19 -2.26 -29.72
CA ALA A 110 6.59 -1.55 -30.83
C ALA A 110 7.01 -0.08 -30.76
N GLN A 111 6.63 0.70 -31.75
CA GLN A 111 7.03 2.11 -31.79
C GLN A 111 5.85 2.99 -31.39
N ASP A 112 6.13 4.15 -30.82
CA ASP A 112 5.07 5.02 -30.29
C ASP A 112 4.11 5.50 -31.38
N GLU A 143 6.62 -0.28 -39.72
CA GLU A 143 6.71 -1.58 -39.09
C GLU A 143 8.00 -1.72 -38.28
N ALA A 144 8.80 -0.66 -38.26
CA ALA A 144 10.04 -0.65 -37.49
C ALA A 144 9.73 -0.82 -36.01
N CYS A 145 10.77 -1.05 -35.21
CA CYS A 145 10.55 -1.28 -33.79
C CYS A 145 11.61 -0.57 -32.97
N CYS A 146 11.52 -0.71 -31.65
CA CYS A 146 12.47 -0.07 -30.77
C CYS A 146 13.17 -1.11 -29.91
N LEU A 147 14.41 -0.81 -29.55
CA LEU A 147 15.16 -1.66 -28.65
C LEU A 147 15.49 -0.88 -27.39
N VAL A 148 14.87 -1.27 -26.29
CA VAL A 148 15.15 -0.65 -25.00
C VAL A 148 16.33 -1.38 -24.37
N ILE A 149 17.44 -0.66 -24.23
CA ILE A 149 18.68 -1.27 -23.76
C ILE A 149 18.87 -1.09 -22.26
N LEU A 150 18.77 -2.20 -21.54
CA LEU A 150 18.94 -2.18 -20.09
C LEU A 150 20.14 -3.00 -19.67
N ALA A 151 20.56 -2.84 -18.41
CA ALA A 151 21.66 -3.61 -17.87
C ALA A 151 21.34 -4.08 -16.46
N ALA A 152 21.19 -5.39 -16.31
CA ALA A 152 20.96 -5.99 -15.00
C ALA A 152 22.26 -6.09 -14.22
N GLU A 153 22.15 -6.28 -12.91
CA GLU A 153 23.33 -6.32 -12.05
C GLU A 153 24.03 -7.68 -12.10
N SER A 154 23.35 -8.69 -12.63
CA SER A 154 23.90 -10.04 -12.70
C SER A 154 23.17 -10.91 -13.71
N LYS A 155 23.65 -12.13 -13.91
CA LYS A 155 23.02 -13.08 -14.81
C LYS A 155 21.64 -13.51 -14.30
N VAL A 156 21.58 -13.93 -13.04
CA VAL A 156 20.34 -14.37 -12.43
C VAL A 156 19.28 -13.26 -12.43
N ALA A 157 19.72 -12.02 -12.33
CA ALA A 157 18.82 -10.87 -12.37
C ALA A 157 18.20 -10.71 -13.74
N ALA A 158 19.01 -10.89 -14.77
CA ALA A 158 18.56 -10.76 -16.15
C ALA A 158 17.58 -11.89 -16.50
N GLU A 159 17.94 -13.11 -16.11
CA GLU A 159 17.09 -14.25 -16.38
C GLU A 159 15.77 -14.11 -15.61
N GLU A 160 15.84 -13.49 -14.43
CA GLU A 160 14.67 -13.24 -13.62
C GLU A 160 13.75 -12.23 -14.31
N LEU A 161 14.35 -11.17 -14.85
CA LEU A 161 13.59 -10.17 -15.59
C LEU A 161 12.88 -10.80 -16.77
N CYS A 162 13.58 -11.69 -17.46
CA CYS A 162 12.99 -12.37 -18.62
C CYS A 162 11.83 -13.26 -18.20
N CYS A 163 11.99 -13.94 -17.06
CA CYS A 163 10.93 -14.80 -16.55
C CYS A 163 9.69 -14.01 -16.17
N LEU A 164 9.89 -12.95 -15.39
CA LEU A 164 8.81 -12.09 -14.94
C LEU A 164 8.05 -11.52 -16.14
N LEU A 165 8.80 -11.00 -17.11
CA LEU A 165 8.20 -10.47 -18.32
C LEU A 165 7.41 -11.55 -19.07
N GLY A 166 7.90 -12.79 -19.05
CA GLY A 166 7.16 -13.88 -19.67
C GLY A 166 5.82 -14.11 -18.99
N GLN A 167 5.84 -14.11 -17.66
CA GLN A 167 4.61 -14.28 -16.88
C GLN A 167 3.64 -13.15 -17.18
N VAL A 168 4.16 -11.93 -17.33
CA VAL A 168 3.32 -10.79 -17.63
C VAL A 168 2.72 -10.91 -19.03
N PHE A 169 3.53 -11.42 -19.96
CA PHE A 169 3.05 -11.65 -21.31
C PHE A 169 1.91 -12.62 -21.26
N GLN A 170 1.96 -13.53 -20.29
CA GLN A 170 0.95 -14.58 -20.23
C GLN A 170 -0.33 -14.19 -19.49
N VAL A 171 -0.24 -13.37 -18.46
CA VAL A 171 -1.44 -13.03 -17.69
C VAL A 171 -2.39 -12.10 -18.45
N VAL A 172 -1.85 -11.28 -19.35
CA VAL A 172 -2.67 -10.40 -20.17
C VAL A 172 -3.39 -11.19 -21.27
N TYR A 173 -4.68 -10.94 -21.45
CA TYR A 173 -5.46 -11.64 -22.47
C TYR A 173 -6.20 -10.59 -23.30
N SER B 12 -30.65 15.71 -2.18
CA SER B 12 -31.00 16.34 -0.92
C SER B 12 -29.82 16.36 0.06
N ASP B 13 -28.81 15.54 -0.22
CA ASP B 13 -27.62 15.53 0.62
C ASP B 13 -26.34 15.49 -0.22
N TYR B 14 -25.21 15.44 0.46
CA TYR B 14 -23.91 15.39 -0.19
C TYR B 14 -23.02 14.38 0.52
N ILE B 15 -22.00 13.89 -0.18
CA ILE B 15 -21.06 12.95 0.43
C ILE B 15 -19.64 13.49 0.33
N GLU B 16 -18.83 13.27 1.36
CA GLU B 16 -17.45 13.73 1.32
C GLU B 16 -16.46 12.57 1.37
N LYS B 17 -15.45 12.64 0.51
CA LYS B 17 -14.42 11.62 0.47
C LYS B 17 -13.03 12.23 0.56
N GLU B 18 -12.09 11.45 1.08
CA GLU B 18 -10.70 11.89 1.17
C GLU B 18 -9.94 11.49 -0.08
N VAL B 19 -9.36 12.48 -0.74
CA VAL B 19 -8.60 12.24 -1.96
C VAL B 19 -7.36 13.13 -1.96
N LYS B 20 -6.50 12.94 -2.94
CA LYS B 20 -5.40 13.86 -3.14
C LYS B 20 -5.61 14.64 -4.43
N TYR B 21 -5.42 15.95 -4.39
CA TYR B 21 -5.59 16.78 -5.57
C TYR B 21 -4.23 17.04 -6.17
N LEU B 22 -3.94 16.35 -7.27
CA LEU B 22 -2.63 16.49 -7.92
C LEU B 22 -2.59 17.75 -8.75
N GLY B 23 -3.66 18.00 -9.50
CA GLY B 23 -3.74 19.20 -10.29
C GLY B 23 -4.77 19.09 -11.40
N GLN B 24 -4.86 20.12 -12.22
CA GLN B 24 -5.80 20.17 -13.32
C GLN B 24 -5.05 20.38 -14.63
N LEU B 25 -5.27 19.48 -15.58
CA LEU B 25 -4.63 19.61 -16.89
C LEU B 25 -5.58 20.32 -17.85
N THR B 26 -5.11 21.39 -18.47
CA THR B 26 -5.93 22.16 -19.39
C THR B 26 -5.41 22.06 -20.83
N SER B 27 -6.24 22.51 -21.76
CA SER B 27 -5.92 22.46 -23.19
C SER B 27 -5.66 21.03 -23.69
N ILE B 28 -6.37 20.08 -23.11
CA ILE B 28 -6.30 18.69 -23.55
C ILE B 28 -7.36 18.51 -24.64
N PRO B 29 -6.99 17.80 -25.72
CA PRO B 29 -7.91 17.51 -26.83
C PRO B 29 -9.23 16.94 -26.33
N GLY B 30 -10.33 17.55 -26.76
CA GLY B 30 -11.66 17.15 -26.29
C GLY B 30 -12.10 15.78 -26.73
N TYR B 31 -11.42 15.23 -27.74
CA TYR B 31 -11.77 13.92 -28.26
C TYR B 31 -11.06 12.80 -27.49
N LEU B 32 -10.43 13.16 -26.38
CA LEU B 32 -9.73 12.20 -25.53
C LEU B 32 -10.69 11.11 -25.06
N ASN B 33 -10.25 9.86 -25.21
CA ASN B 33 -11.04 8.72 -24.79
C ASN B 33 -10.80 8.40 -23.32
N PRO B 34 -11.84 8.59 -22.48
CA PRO B 34 -11.75 8.31 -21.05
C PRO B 34 -11.59 6.82 -20.75
N SER B 35 -11.78 5.98 -21.77
CA SER B 35 -11.56 4.54 -21.64
C SER B 35 -10.13 4.17 -21.98
N SER B 36 -9.35 5.15 -22.42
CA SER B 36 -7.99 4.91 -22.85
C SER B 36 -6.97 5.24 -21.76
N ARG B 37 -6.32 4.20 -21.25
CA ARG B 37 -5.29 4.35 -20.24
C ARG B 37 -4.06 5.06 -20.82
N THR B 38 -3.68 4.69 -22.04
CA THR B 38 -2.48 5.23 -22.68
C THR B 38 -2.54 6.74 -22.92
N GLU B 39 -3.70 7.25 -23.31
CA GLU B 39 -3.85 8.68 -23.57
C GLU B 39 -3.76 9.49 -22.28
N ILE B 40 -4.57 9.09 -21.30
CA ILE B 40 -4.63 9.73 -19.99
C ILE B 40 -3.23 9.74 -19.36
N LEU B 41 -2.58 8.57 -19.36
CA LEU B 41 -1.24 8.46 -18.82
C LEU B 41 -0.22 9.21 -19.64
N HIS B 42 -0.50 9.40 -20.93
CA HIS B 42 0.40 10.17 -21.77
C HIS B 42 0.43 11.60 -21.29
N PHE B 43 -0.76 12.20 -21.13
CA PHE B 43 -0.83 13.59 -20.69
C PHE B 43 -0.38 13.77 -19.24
N ILE B 44 -0.63 12.75 -18.41
CA ILE B 44 -0.20 12.79 -17.01
C ILE B 44 1.32 12.71 -16.88
N ASP B 45 1.94 11.76 -17.56
CA ASP B 45 3.39 11.60 -17.53
C ASP B 45 4.08 12.83 -18.09
N ASN B 46 3.54 13.36 -19.18
CA ASN B 46 4.07 14.61 -19.72
C ASN B 46 3.95 15.74 -18.71
N ALA B 47 2.82 15.78 -18.00
CA ALA B 47 2.62 16.83 -16.99
C ALA B 47 3.58 16.69 -15.82
N LYS B 48 3.98 15.47 -15.50
CA LYS B 48 4.92 15.26 -14.41
C LYS B 48 6.35 15.59 -14.82
N ARG B 49 6.71 15.28 -16.06
CA ARG B 49 8.03 15.63 -16.56
C ARG B 49 8.20 17.15 -16.68
N ALA B 50 7.08 17.85 -16.88
CA ALA B 50 7.09 19.31 -16.97
C ALA B 50 6.85 19.98 -15.62
N HIS B 51 6.80 19.17 -14.56
CA HIS B 51 6.59 19.64 -13.20
C HIS B 51 5.27 20.40 -13.04
N GLN B 52 4.28 20.06 -13.87
CA GLN B 52 2.96 20.64 -13.76
C GLN B 52 2.14 19.77 -12.82
N LEU B 53 2.67 18.59 -12.51
CA LEU B 53 2.05 17.70 -11.55
C LEU B 53 3.08 17.25 -10.51
N PRO B 54 2.62 17.06 -9.26
CA PRO B 54 3.38 16.64 -8.09
C PRO B 54 3.63 15.14 -8.04
N GLY B 55 4.63 14.73 -7.27
CA GLY B 55 4.83 13.31 -7.06
C GLY B 55 3.70 12.91 -6.14
N HIS B 56 3.00 11.84 -6.51
CA HIS B 56 1.78 11.41 -5.82
C HIS B 56 1.95 11.08 -4.34
N LEU B 57 3.19 11.07 -3.85
CA LEU B 57 3.47 10.72 -2.46
C LEU B 57 3.46 11.94 -1.56
N THR B 58 3.28 13.11 -2.17
CA THR B 58 3.25 14.36 -1.43
C THR B 58 2.14 14.43 -0.39
N GLN B 59 2.05 15.58 0.29
CA GLN B 59 1.12 15.76 1.38
C GLN B 59 0.77 17.25 1.41
N GLU B 60 1.38 18.00 0.50
CA GLU B 60 1.00 19.39 0.29
C GLU B 60 -0.23 19.46 -0.62
N HIS B 61 -0.49 18.36 -1.32
CA HIS B 61 -1.66 18.23 -2.17
C HIS B 61 -2.69 17.30 -1.57
N ASP B 62 -3.44 17.82 -0.61
CA ASP B 62 -4.43 17.04 0.11
C ASP B 62 -5.77 17.78 0.13
N ALA B 63 -6.79 17.18 -0.45
CA ALA B 63 -8.08 17.86 -0.52
C ALA B 63 -9.22 16.93 -0.17
N VAL B 64 -10.35 17.52 0.18
CA VAL B 64 -11.59 16.82 0.42
C VAL B 64 -12.49 17.07 -0.78
N LEU B 65 -13.08 15.97 -1.26
CA LEU B 65 -14.03 15.99 -2.36
C LEU B 65 -15.48 15.87 -1.89
N SER B 66 -16.26 16.92 -2.13
CA SER B 66 -17.68 16.91 -1.85
C SER B 66 -18.47 16.64 -3.12
N LEU B 67 -19.31 15.61 -3.07
CA LEU B 67 -20.08 15.18 -4.23
C LEU B 67 -21.56 15.37 -3.97
N SER B 68 -22.25 15.96 -4.92
CA SER B 68 -23.69 16.17 -4.85
C SER B 68 -24.27 16.19 -6.26
N ALA B 69 -25.60 16.24 -6.34
CA ALA B 69 -26.28 16.29 -7.63
C ALA B 69 -26.00 17.60 -8.36
N TYR B 70 -25.58 18.61 -7.60
CA TYR B 70 -25.29 19.93 -8.16
C TYR B 70 -23.92 19.95 -8.82
N ASN B 71 -22.91 19.51 -8.08
CA ASN B 71 -21.53 19.60 -8.55
C ASN B 71 -20.54 18.72 -7.79
N VAL B 72 -19.30 18.71 -8.28
CA VAL B 72 -18.18 18.14 -7.58
C VAL B 72 -17.32 19.29 -7.07
N LYS B 73 -16.98 19.24 -5.78
CA LYS B 73 -16.24 20.33 -5.16
C LYS B 73 -14.95 19.81 -4.53
N LEU B 74 -13.85 20.49 -4.79
CA LEU B 74 -12.58 20.14 -4.18
C LEU B 74 -12.07 21.29 -3.31
N ALA B 75 -11.64 20.97 -2.09
CA ALA B 75 -11.12 22.00 -1.19
C ALA B 75 -9.99 21.45 -0.32
N TRP B 76 -8.95 22.25 -0.09
CA TRP B 76 -7.81 21.79 0.73
C TRP B 76 -8.23 21.40 2.15
N ARG B 77 -7.38 20.66 2.84
CA ARG B 77 -7.71 20.22 4.20
C ARG B 77 -7.16 21.17 5.26
N ASP B 78 -6.09 21.90 4.94
CA ASP B 78 -5.50 22.81 5.92
C ASP B 78 -6.41 24.01 6.22
N GLY B 79 -6.73 24.79 5.20
CA GLY B 79 -7.45 26.05 5.37
C GLY B 79 -8.89 26.01 4.91
N GLU B 80 -9.27 24.89 4.31
CA GLU B 80 -10.63 24.65 3.80
C GLU B 80 -11.02 25.55 2.62
N ASP B 81 -10.09 26.33 2.10
CA ASP B 81 -10.38 27.15 0.93
C ASP B 81 -10.76 26.22 -0.21
N ILE B 82 -11.74 26.63 -1.00
CA ILE B 82 -12.23 25.76 -2.06
C ILE B 82 -11.38 25.86 -3.32
N ILE B 83 -10.91 24.70 -3.77
CA ILE B 83 -10.01 24.61 -4.92
C ILE B 83 -10.75 24.69 -6.23
N LEU B 84 -11.79 23.87 -6.37
CA LEU B 84 -12.51 23.83 -7.64
C LEU B 84 -13.97 23.42 -7.50
N ARG B 85 -14.81 23.92 -8.41
CA ARG B 85 -16.21 23.54 -8.44
C ARG B 85 -16.61 23.22 -9.87
N VAL B 86 -16.93 21.96 -10.12
CA VAL B 86 -17.31 21.53 -11.46
C VAL B 86 -18.76 21.05 -11.44
N PRO B 87 -19.66 21.76 -12.14
CA PRO B 87 -21.03 21.26 -12.25
C PRO B 87 -21.04 19.88 -12.89
N ILE B 88 -21.99 19.02 -12.48
CA ILE B 88 -22.04 17.66 -12.97
C ILE B 88 -22.24 17.59 -14.49
N HIS B 89 -22.97 18.56 -15.03
CA HIS B 89 -23.19 18.62 -16.47
C HIS B 89 -21.90 19.04 -17.20
N ASP B 90 -20.92 19.50 -16.44
CA ASP B 90 -19.63 19.87 -17.00
C ASP B 90 -18.62 18.74 -16.89
N ILE B 91 -19.05 17.60 -16.37
CA ILE B 91 -18.17 16.43 -16.29
C ILE B 91 -18.52 15.45 -17.40
N ALA B 92 -17.56 15.19 -18.27
CA ALA B 92 -17.78 14.28 -19.39
C ALA B 92 -17.68 12.83 -18.93
N ALA B 93 -16.69 12.55 -18.09
CA ALA B 93 -16.50 11.18 -17.61
C ALA B 93 -15.60 11.12 -16.39
N VAL B 94 -15.55 9.95 -15.77
CA VAL B 94 -14.61 9.70 -14.67
C VAL B 94 -13.93 8.36 -14.90
N SER B 95 -12.62 8.32 -14.75
CA SER B 95 -11.86 7.13 -15.05
C SER B 95 -10.96 6.73 -13.88
N TYR B 96 -10.90 5.44 -13.60
CA TYR B 96 -9.95 4.92 -12.63
C TYR B 96 -8.76 4.34 -13.38
N VAL B 97 -7.64 5.04 -13.30
CA VAL B 97 -6.40 4.57 -13.88
C VAL B 97 -5.45 4.22 -12.76
N ARG B 98 -5.11 2.94 -12.65
CA ARG B 98 -4.17 2.50 -11.63
C ARG B 98 -2.72 2.55 -12.09
N ASP B 99 -1.97 3.49 -11.56
CA ASP B 99 -0.52 3.45 -11.72
C ASP B 99 -0.05 2.61 -10.53
N ASP B 100 1.26 2.42 -10.40
CA ASP B 100 1.81 1.45 -9.44
C ASP B 100 1.24 1.54 -8.03
N ALA B 101 1.53 2.64 -7.33
CA ALA B 101 1.07 2.82 -5.97
C ALA B 101 -0.07 3.83 -5.96
N ALA B 102 -0.16 4.58 -7.05
CA ALA B 102 -1.17 5.62 -7.16
C ALA B 102 -2.43 5.08 -7.82
N HIS B 103 -3.56 5.23 -7.13
CA HIS B 103 -4.85 4.87 -7.69
C HIS B 103 -5.51 6.12 -8.24
N LEU B 104 -5.11 6.51 -9.45
CA LEU B 104 -5.54 7.77 -10.02
C LEU B 104 -7.02 7.76 -10.39
N VAL B 105 -7.72 8.82 -10.00
CA VAL B 105 -9.07 9.04 -10.45
C VAL B 105 -9.09 10.33 -11.27
N VAL B 106 -9.33 10.19 -12.57
CA VAL B 106 -9.24 11.32 -13.48
C VAL B 106 -10.63 11.74 -13.94
N LEU B 107 -10.95 13.01 -13.72
CA LEU B 107 -12.22 13.56 -14.17
C LEU B 107 -12.04 14.28 -15.49
N LYS B 108 -12.63 13.74 -16.55
CA LYS B 108 -12.65 14.44 -17.83
C LYS B 108 -13.84 15.39 -17.81
N THR B 109 -13.53 16.68 -17.76
CA THR B 109 -14.55 17.71 -17.62
C THR B 109 -14.47 18.69 -18.78
N ALA B 110 -15.51 19.48 -18.97
CA ALA B 110 -15.49 20.54 -19.96
C ALA B 110 -14.53 21.63 -19.48
N GLN B 111 -14.28 22.63 -20.31
CA GLN B 111 -13.34 23.68 -19.93
C GLN B 111 -14.06 24.93 -19.46
N ASP B 112 -13.40 25.70 -18.60
CA ASP B 112 -13.96 26.90 -17.99
C ASP B 112 -14.28 27.95 -19.05
N GLU B 143 -12.50 22.78 -29.08
CA GLU B 143 -13.37 22.10 -28.14
C GLU B 143 -12.54 21.26 -27.15
N ALA B 144 -11.48 21.88 -26.63
CA ALA B 144 -10.62 21.24 -25.65
C ALA B 144 -11.36 20.91 -24.35
N CYS B 145 -10.71 20.14 -23.48
CA CYS B 145 -11.31 19.75 -22.21
C CYS B 145 -10.27 19.80 -21.10
N CYS B 146 -10.69 19.45 -19.89
CA CYS B 146 -9.78 19.44 -18.75
C CYS B 146 -9.73 18.07 -18.10
N LEU B 147 -8.58 17.76 -17.52
CA LEU B 147 -8.41 16.53 -16.77
C LEU B 147 -8.09 16.88 -15.32
N VAL B 148 -9.03 16.59 -14.43
CA VAL B 148 -8.82 16.79 -13.00
C VAL B 148 -8.18 15.54 -12.42
N ILE B 149 -6.94 15.66 -11.97
CA ILE B 149 -6.18 14.51 -11.51
C ILE B 149 -6.26 14.33 -10.01
N LEU B 150 -6.93 13.25 -9.60
CA LEU B 150 -7.08 12.93 -8.19
C LEU B 150 -6.37 11.62 -7.87
N ALA B 151 -6.19 11.37 -6.59
CA ALA B 151 -5.56 10.14 -6.14
C ALA B 151 -6.32 9.57 -4.95
N ALA B 152 -6.95 8.43 -5.14
CA ALA B 152 -7.66 7.75 -4.07
C ALA B 152 -6.67 7.01 -3.19
N GLU B 153 -7.10 6.67 -1.97
CA GLU B 153 -6.22 6.03 -1.01
C GLU B 153 -6.07 4.55 -1.27
N SER B 154 -6.96 4.01 -2.08
CA SER B 154 -6.97 2.58 -2.38
C SER B 154 -7.76 2.30 -3.65
N LYS B 155 -7.76 1.04 -4.07
CA LYS B 155 -8.54 0.61 -5.21
C LYS B 155 -10.05 0.75 -4.96
N VAL B 156 -10.50 0.20 -3.83
CA VAL B 156 -11.92 0.24 -3.48
C VAL B 156 -12.42 1.68 -3.35
N ALA B 157 -11.55 2.58 -2.92
CA ALA B 157 -11.89 3.99 -2.79
C ALA B 157 -12.12 4.63 -4.16
N ALA B 158 -11.26 4.27 -5.10
CA ALA B 158 -11.35 4.80 -6.47
C ALA B 158 -12.61 4.28 -7.15
N GLU B 159 -12.86 2.98 -6.99
CA GLU B 159 -14.04 2.36 -7.58
C GLU B 159 -15.30 2.92 -6.93
N GLU B 160 -15.20 3.25 -5.65
CA GLU B 160 -16.33 3.84 -4.93
C GLU B 160 -16.61 5.24 -5.48
N LEU B 161 -15.56 6.02 -5.69
CA LEU B 161 -15.72 7.35 -6.27
C LEU B 161 -16.36 7.26 -7.65
N CYS B 162 -15.93 6.29 -8.44
CA CYS B 162 -16.47 6.13 -9.77
C CYS B 162 -17.95 5.72 -9.75
N CYS B 163 -18.31 4.85 -8.80
CA CYS B 163 -19.70 4.44 -8.66
C CYS B 163 -20.58 5.61 -8.21
N LEU B 164 -20.14 6.32 -7.19
CA LEU B 164 -20.89 7.46 -6.67
C LEU B 164 -21.10 8.51 -7.77
N LEU B 165 -20.02 8.83 -8.48
CA LEU B 165 -20.11 9.75 -9.61
C LEU B 165 -21.07 9.22 -10.65
N GLY B 166 -21.10 7.90 -10.82
CA GLY B 166 -22.04 7.27 -11.74
C GLY B 166 -23.48 7.51 -11.32
N GLN B 167 -23.76 7.37 -10.02
CA GLN B 167 -25.08 7.62 -9.49
C GLN B 167 -25.49 9.07 -9.70
N VAL B 168 -24.54 9.98 -9.51
CA VAL B 168 -24.79 11.41 -9.68
C VAL B 168 -25.03 11.81 -11.15
N PHE B 169 -24.31 11.17 -12.07
CA PHE B 169 -24.45 11.46 -13.51
C PHE B 169 -25.89 11.27 -13.99
N GLN B 170 -26.64 10.43 -13.29
CA GLN B 170 -28.00 10.10 -13.69
C GLN B 170 -28.98 11.19 -13.23
N VAL B 171 -28.45 12.40 -13.01
CA VAL B 171 -29.26 13.50 -12.54
C VAL B 171 -30.21 13.96 -13.63
N VAL B 172 -31.50 13.88 -13.34
CA VAL B 172 -32.54 14.36 -14.24
C VAL B 172 -32.52 15.88 -14.13
N TYR B 173 -32.94 16.43 -12.99
CA TYR B 173 -32.85 17.86 -12.73
C TYR B 173 -32.27 18.10 -11.34
N ASP C 13 29.32 6.32 16.92
CA ASP C 13 28.10 7.08 17.15
C ASP C 13 26.88 6.21 16.90
N TYR C 14 25.69 6.78 17.03
CA TYR C 14 24.47 6.03 16.80
C TYR C 14 23.50 6.87 15.99
N ILE C 15 22.59 6.18 15.31
CA ILE C 15 21.55 6.84 14.51
C ILE C 15 20.17 6.37 14.97
N GLU C 16 19.23 7.30 14.96
CA GLU C 16 17.86 6.97 15.33
C GLU C 16 16.92 7.20 14.15
N LYS C 17 16.04 6.23 13.92
CA LYS C 17 15.07 6.32 12.85
C LYS C 17 13.68 6.04 13.39
N GLU C 18 12.67 6.59 12.74
CA GLU C 18 11.30 6.39 13.16
C GLU C 18 10.71 5.19 12.43
N VAL C 19 10.23 4.20 13.18
CA VAL C 19 9.65 3.01 12.59
C VAL C 19 8.41 2.57 13.36
N LYS C 20 7.71 1.56 12.85
CA LYS C 20 6.61 0.96 13.61
C LYS C 20 6.94 -0.46 14.06
N TYR C 21 6.64 -0.76 15.32
CA TYR C 21 6.89 -2.08 15.86
C TYR C 21 5.62 -2.92 15.87
N LEU C 22 5.54 -3.88 14.95
CA LEU C 22 4.37 -4.74 14.86
C LEU C 22 4.44 -5.85 15.89
N GLY C 23 5.63 -6.45 16.02
CA GLY C 23 5.85 -7.49 17.01
C GLY C 23 7.04 -8.36 16.70
N GLN C 24 7.25 -9.38 17.53
CA GLN C 24 8.35 -10.32 17.34
C GLN C 24 7.80 -11.74 17.23
N LEU C 25 8.13 -12.41 16.13
CA LEU C 25 7.71 -13.79 15.92
C LEU C 25 8.80 -14.75 16.37
N THR C 26 8.43 -15.70 17.21
CA THR C 26 9.39 -16.65 17.75
C THR C 26 9.15 -18.06 17.22
N SER C 27 10.13 -18.93 17.43
CA SER C 27 10.09 -20.32 16.95
C SER C 27 9.95 -20.41 15.43
N ILE C 28 10.55 -19.45 14.73
CA ILE C 28 10.60 -19.46 13.27
C ILE C 28 11.83 -20.23 12.81
N PRO C 29 11.68 -21.09 11.80
CA PRO C 29 12.77 -21.88 11.22
C PRO C 29 14.00 -21.05 10.88
N GLY C 30 15.17 -21.47 11.37
CA GLY C 30 16.39 -20.74 11.16
C GLY C 30 16.86 -20.75 9.71
N TYR C 31 16.35 -21.70 8.93
CA TYR C 31 16.73 -21.80 7.53
C TYR C 31 15.84 -20.94 6.64
N LEU C 32 15.03 -20.10 7.27
CA LEU C 32 14.14 -19.19 6.56
C LEU C 32 14.95 -18.29 5.63
N ASN C 33 14.51 -18.20 4.38
CA ASN C 33 15.20 -17.38 3.40
C ASN C 33 14.71 -15.94 3.47
N PRO C 34 15.60 -15.02 3.90
CA PRO C 34 15.27 -13.59 4.00
C PRO C 34 15.04 -12.96 2.64
N SER C 35 15.39 -13.69 1.59
CA SER C 35 15.16 -13.26 0.22
C SER C 35 13.80 -13.75 -0.28
N SER C 36 13.12 -14.52 0.57
CA SER C 36 11.83 -15.10 0.19
C SER C 36 10.64 -14.29 0.72
N ARG C 37 9.91 -13.68 -0.20
CA ARG C 37 8.71 -12.93 0.15
C ARG C 37 7.61 -13.87 0.66
N THR C 38 7.47 -15.02 0.00
CA THR C 38 6.41 -15.96 0.34
C THR C 38 6.50 -16.53 1.76
N GLU C 39 7.70 -16.84 2.20
CA GLU C 39 7.90 -17.40 3.55
C GLU C 39 7.62 -16.35 4.62
N ILE C 40 8.28 -15.20 4.48
CA ILE C 40 8.14 -14.10 5.43
C ILE C 40 6.67 -13.68 5.54
N LEU C 41 6.03 -13.48 4.41
CA LEU C 41 4.62 -13.09 4.40
C LEU C 41 3.72 -14.22 4.90
N HIS C 42 4.18 -15.45 4.76
CA HIS C 42 3.45 -16.60 5.30
C HIS C 42 3.38 -16.50 6.80
N PHE C 43 4.54 -16.34 7.43
CA PHE C 43 4.58 -16.26 8.90
C PHE C 43 3.93 -14.99 9.43
N ILE C 44 4.07 -13.89 8.69
CA ILE C 44 3.47 -12.63 9.10
C ILE C 44 1.94 -12.68 9.04
N ASP C 45 1.41 -13.13 7.90
CA ASP C 45 -0.04 -13.25 7.74
C ASP C 45 -0.63 -14.25 8.72
N ASN C 46 0.04 -15.37 8.92
CA ASN C 46 -0.40 -16.34 9.92
C ASN C 46 -0.43 -15.71 11.30
N ALA C 47 0.59 -14.90 11.61
CA ALA C 47 0.64 -14.21 12.89
C ALA C 47 -0.46 -13.16 13.03
N LYS C 48 -0.89 -12.60 11.90
CA LYS C 48 -1.96 -11.61 11.91
C LYS C 48 -3.32 -12.25 12.13
N ARG C 49 -3.52 -13.42 11.53
CA ARG C 49 -4.77 -14.15 11.73
C ARG C 49 -4.90 -14.66 13.17
N ALA C 50 -3.77 -14.88 13.83
CA ALA C 50 -3.76 -15.32 15.22
C ALA C 50 -3.67 -14.13 16.18
N HIS C 51 -3.76 -12.93 15.62
CA HIS C 51 -3.71 -11.68 16.38
C HIS C 51 -2.43 -11.50 17.19
N GLN C 52 -1.34 -12.10 16.70
CA GLN C 52 -0.04 -11.92 17.33
C GLN C 52 0.66 -10.71 16.72
N LEU C 53 0.11 -10.24 15.60
CA LEU C 53 0.57 -9.02 14.96
C LEU C 53 -0.67 -8.18 14.65
N PRO C 54 -0.54 -6.84 14.70
CA PRO C 54 -1.74 -6.05 14.41
C PRO C 54 -2.05 -5.93 12.92
N GLY C 55 -3.33 -5.87 12.59
CA GLY C 55 -3.78 -5.63 11.23
C GLY C 55 -3.77 -4.14 10.92
N HIS C 56 -4.29 -3.37 11.87
CA HIS C 56 -4.45 -1.93 11.74
C HIS C 56 -3.35 -1.14 12.44
N LEU C 57 -2.49 -0.50 11.65
CA LEU C 57 -1.31 0.21 12.16
C LEU C 57 -1.58 1.64 12.58
N THR C 58 -1.87 1.81 13.87
CA THR C 58 -2.09 3.11 14.48
C THR C 58 -0.78 3.65 15.08
N GLN C 59 -0.84 4.76 15.82
CA GLN C 59 0.36 5.42 16.32
C GLN C 59 0.72 4.87 17.69
N GLU C 60 -0.04 3.89 18.15
CA GLU C 60 0.29 3.18 19.36
C GLU C 60 1.40 2.19 19.02
N HIS C 61 1.62 2.00 17.73
CA HIS C 61 2.69 1.13 17.27
C HIS C 61 3.83 1.98 16.74
N ASP C 62 4.17 3.06 17.44
CA ASP C 62 5.22 3.95 16.96
C ASP C 62 6.44 3.86 17.84
N ALA C 63 7.56 3.51 17.21
CA ALA C 63 8.79 3.29 17.95
C ALA C 63 9.99 3.96 17.31
N VAL C 64 11.00 4.19 18.13
CA VAL C 64 12.27 4.70 17.66
C VAL C 64 13.27 3.55 17.63
N LEU C 65 13.93 3.41 16.50
CA LEU C 65 15.00 2.43 16.33
C LEU C 65 16.34 3.13 16.39
N SER C 66 17.11 2.85 17.43
CA SER C 66 18.46 3.39 17.53
C SER C 66 19.44 2.32 17.10
N LEU C 67 20.29 2.68 16.13
CA LEU C 67 21.21 1.73 15.52
C LEU C 67 22.67 2.08 15.82
N SER C 68 23.43 1.08 16.21
CA SER C 68 24.85 1.25 16.51
C SER C 68 25.63 -0.03 16.25
N ALA C 69 26.95 0.05 16.38
CA ALA C 69 27.81 -1.11 16.19
C ALA C 69 27.57 -2.14 17.28
N TYR C 70 26.98 -1.70 18.39
CA TYR C 70 26.69 -2.58 19.52
C TYR C 70 25.42 -3.40 19.29
N ASN C 71 24.34 -2.72 18.94
CA ASN C 71 23.04 -3.39 18.83
C ASN C 71 22.01 -2.60 18.06
N VAL C 72 20.86 -3.22 17.84
CA VAL C 72 19.69 -2.54 17.34
C VAL C 72 18.70 -2.41 18.48
N LYS C 73 18.19 -1.20 18.70
CA LYS C 73 17.28 -0.98 19.81
C LYS C 73 15.95 -0.45 19.32
N LEU C 74 14.87 -1.02 19.83
CA LEU C 74 13.55 -0.55 19.52
C LEU C 74 12.96 -0.05 20.82
N ALA C 75 12.32 1.11 20.79
CA ALA C 75 11.71 1.64 22.01
C ALA C 75 10.43 2.35 21.68
N TRP C 76 9.41 2.21 22.51
CA TRP C 76 8.15 2.91 22.26
C TRP C 76 8.40 4.41 22.21
N ARG C 77 7.49 5.14 21.59
CA ARG C 77 7.65 6.57 21.43
C ARG C 77 6.92 7.33 22.55
N ASP C 78 5.89 6.71 23.10
CA ASP C 78 5.13 7.34 24.18
C ASP C 78 5.98 7.42 25.44
N GLY C 79 6.43 6.26 25.92
CA GLY C 79 7.11 6.18 27.20
C GLY C 79 8.61 5.91 27.13
N GLU C 80 9.09 5.62 25.91
CA GLU C 80 10.51 5.32 25.68
C GLU C 80 11.01 4.01 26.31
N ASP C 81 10.09 3.19 26.83
CA ASP C 81 10.47 1.87 27.31
C ASP C 81 11.09 1.09 26.16
N ILE C 82 12.13 0.31 26.43
CA ILE C 82 12.79 -0.44 25.37
C ILE C 82 12.01 -1.73 25.16
N ILE C 83 11.65 -1.99 23.91
CA ILE C 83 10.85 -3.14 23.55
C ILE C 83 11.76 -4.36 23.46
N LEU C 84 12.84 -4.23 22.70
CA LEU C 84 13.81 -5.30 22.56
C LEU C 84 15.18 -4.76 22.17
N ARG C 85 16.22 -5.50 22.54
CA ARG C 85 17.59 -5.14 22.20
C ARG C 85 18.30 -6.34 21.61
N VAL C 86 18.66 -6.23 20.34
CA VAL C 86 19.32 -7.31 19.62
C VAL C 86 20.73 -6.91 19.19
N PRO C 87 21.74 -7.61 19.73
CA PRO C 87 23.13 -7.38 19.33
C PRO C 87 23.30 -7.62 17.83
N ILE C 88 24.20 -6.88 17.19
CA ILE C 88 24.39 -6.96 15.75
C ILE C 88 24.83 -8.35 15.30
N HIS C 89 25.60 -9.05 16.12
CA HIS C 89 26.04 -10.39 15.81
C HIS C 89 24.89 -11.40 15.95
N ASP C 90 23.79 -10.96 16.56
CA ASP C 90 22.62 -11.81 16.71
C ASP C 90 21.60 -11.55 15.60
N ILE C 91 21.96 -10.70 14.64
CA ILE C 91 21.10 -10.44 13.50
C ILE C 91 21.60 -11.19 12.27
N ALA C 92 20.78 -12.09 11.76
CA ALA C 92 21.15 -12.87 10.59
C ALA C 92 20.95 -12.05 9.32
N ALA C 93 19.82 -11.34 9.23
CA ALA C 93 19.55 -10.54 8.04
C ALA C 93 18.45 -9.51 8.25
N VAL C 94 18.29 -8.63 7.27
CA VAL C 94 17.20 -7.66 7.24
C VAL C 94 16.59 -7.61 5.85
N SER C 95 15.26 -7.67 5.77
CA SER C 95 14.59 -7.73 4.48
C SER C 95 13.51 -6.66 4.35
N TYR C 96 13.44 -6.05 3.17
CA TYR C 96 12.37 -5.12 2.87
C TYR C 96 11.31 -5.84 2.03
N VAL C 97 10.16 -6.10 2.63
CA VAL C 97 9.04 -6.69 1.90
C VAL C 97 7.95 -5.66 1.74
N ARG C 98 7.68 -5.26 0.50
CA ARG C 98 6.60 -4.33 0.25
C ARG C 98 5.32 -5.12 0.03
N ASP C 99 4.41 -5.05 0.99
CA ASP C 99 3.07 -5.56 0.79
C ASP C 99 2.31 -4.40 0.17
N ASP C 100 1.01 -4.54 -0.02
CA ASP C 100 0.23 -3.59 -0.80
C ASP C 100 0.54 -2.13 -0.46
N ALA C 101 0.19 -1.70 0.74
CA ALA C 101 0.48 -0.33 1.16
C ALA C 101 1.58 -0.30 2.21
N ALA C 102 1.83 -1.43 2.85
CA ALA C 102 2.77 -1.53 3.96
C ALA C 102 4.20 -1.86 3.53
N HIS C 103 5.14 -1.02 3.95
CA HIS C 103 6.55 -1.25 3.68
C HIS C 103 7.23 -1.98 4.84
N LEU C 104 7.04 -3.30 4.89
CA LEU C 104 7.52 -4.11 6.00
C LEU C 104 9.05 -4.24 6.01
N VAL C 105 9.65 -4.04 7.18
CA VAL C 105 11.07 -4.32 7.37
C VAL C 105 11.23 -5.42 8.41
N VAL C 106 11.68 -6.59 7.96
CA VAL C 106 11.76 -7.76 8.82
C VAL C 106 13.19 -8.11 9.20
N LEU C 107 13.47 -8.17 10.49
CA LEU C 107 14.79 -8.54 10.98
C LEU C 107 14.83 -10.01 11.38
N LYS C 108 15.60 -10.80 10.64
CA LYS C 108 15.84 -12.19 11.01
C LYS C 108 17.00 -12.26 11.99
N THR C 109 16.68 -12.60 13.24
CA THR C 109 17.65 -12.61 14.32
C THR C 109 17.75 -14.00 14.98
N ALA C 110 18.81 -14.19 15.77
CA ALA C 110 19.02 -15.44 16.50
C ALA C 110 18.03 -15.64 17.66
N GLN C 111 18.13 -16.80 18.29
CA GLN C 111 17.27 -17.21 19.39
C GLN C 111 15.79 -17.20 19.01
N GLU C 143 18.61 -23.74 16.85
CA GLU C 143 18.40 -23.83 15.40
C GLU C 143 17.37 -22.81 14.92
N ALA C 144 16.27 -22.71 15.65
CA ALA C 144 15.20 -21.76 15.32
C ALA C 144 15.68 -20.31 15.43
N CYS C 145 14.88 -19.39 14.91
CA CYS C 145 15.23 -17.97 14.92
C CYS C 145 14.00 -17.11 15.19
N CYS C 146 14.19 -15.80 15.22
CA CYS C 146 13.10 -14.86 15.46
C CYS C 146 12.97 -13.85 14.32
N LEU C 147 11.75 -13.39 14.09
CA LEU C 147 11.48 -12.35 13.10
C LEU C 147 10.91 -11.10 13.76
N VAL C 148 11.68 -10.02 13.75
CA VAL C 148 11.21 -8.75 14.27
C VAL C 148 10.52 -7.98 13.14
N ILE C 149 9.21 -7.80 13.28
CA ILE C 149 8.41 -7.19 12.22
C ILE C 149 8.22 -5.70 12.43
N LEU C 150 8.82 -4.91 11.54
CA LEU C 150 8.71 -3.46 11.60
C LEU C 150 8.02 -2.92 10.36
N ALA C 151 7.60 -1.65 10.42
CA ALA C 151 6.98 -1.00 9.28
C ALA C 151 7.46 0.43 9.10
N ALA C 152 8.16 0.67 7.99
CA ALA C 152 8.61 2.01 7.64
C ALA C 152 7.47 2.78 6.99
N GLU C 153 7.59 4.11 6.95
CA GLU C 153 6.52 4.95 6.41
C GLU C 153 6.53 4.99 4.88
N SER C 154 7.63 4.54 4.28
CA SER C 154 7.77 4.59 2.84
C SER C 154 8.85 3.63 2.32
N LYS C 155 8.98 3.57 1.00
CA LYS C 155 10.00 2.75 0.37
C LYS C 155 11.40 3.23 0.71
N VAL C 156 11.62 4.54 0.54
CA VAL C 156 12.91 5.15 0.80
C VAL C 156 13.37 4.96 2.25
N ALA C 157 12.42 4.97 3.18
CA ALA C 157 12.74 4.78 4.59
C ALA C 157 13.20 3.35 4.86
N ALA C 158 12.52 2.40 4.25
CA ALA C 158 12.83 0.99 4.43
C ALA C 158 14.19 0.65 3.82
N GLU C 159 14.42 1.14 2.60
CA GLU C 159 15.69 0.90 1.93
C GLU C 159 16.83 1.61 2.65
N GLU C 160 16.52 2.75 3.26
CA GLU C 160 17.51 3.47 4.04
C GLU C 160 17.88 2.64 5.26
N LEU C 161 16.86 2.08 5.91
CA LEU C 161 17.08 1.20 7.05
C LEU C 161 17.95 0.00 6.71
N CYS C 162 17.65 -0.61 5.56
CA CYS C 162 18.41 -1.78 5.09
C CYS C 162 19.85 -1.39 4.78
N CYS C 163 20.02 -0.22 4.20
CA CYS C 163 21.35 0.28 3.86
C CYS C 163 22.17 0.54 5.11
N LEU C 164 21.60 1.24 6.08
CA LEU C 164 22.27 1.54 7.34
C LEU C 164 22.65 0.26 8.08
N LEU C 165 21.70 -0.66 8.16
CA LEU C 165 21.95 -1.95 8.79
C LEU C 165 23.08 -2.69 8.09
N GLY C 166 23.12 -2.54 6.76
CA GLY C 166 24.20 -3.10 5.97
C GLY C 166 25.55 -2.49 6.33
N GLN C 167 25.59 -1.17 6.50
CA GLN C 167 26.80 -0.47 6.90
C GLN C 167 27.27 -0.95 8.26
N VAL C 168 26.33 -1.18 9.16
CA VAL C 168 26.65 -1.67 10.50
C VAL C 168 27.20 -3.10 10.42
N PHE C 169 26.63 -3.89 9.50
CA PHE C 169 27.10 -5.26 9.27
C PHE C 169 28.56 -5.37 8.86
N GLN C 170 29.08 -4.34 8.20
CA GLN C 170 30.42 -4.43 7.62
C GLN C 170 31.58 -4.17 8.58
N VAL C 171 31.29 -3.74 9.80
CA VAL C 171 32.36 -3.54 10.78
C VAL C 171 32.81 -4.93 11.24
N VAL C 172 33.72 -4.99 12.22
CA VAL C 172 34.25 -6.25 12.76
C VAL C 172 34.44 -7.38 11.74
N ILE D 15 -28.84 -1.96 12.59
CA ILE D 15 -28.60 -0.59 13.01
C ILE D 15 -27.09 -0.39 13.20
N GLU D 16 -26.58 0.79 12.86
CA GLU D 16 -25.16 1.07 13.05
C GLU D 16 -24.92 2.24 14.00
N LYS D 17 -23.96 2.10 14.90
CA LYS D 17 -23.61 3.16 15.83
C LYS D 17 -22.11 3.41 15.74
N GLU D 18 -21.69 4.65 16.03
CA GLU D 18 -20.27 5.00 16.00
C GLU D 18 -19.66 4.77 17.37
N VAL D 19 -18.57 4.01 17.41
CA VAL D 19 -17.91 3.72 18.66
C VAL D 19 -16.40 3.80 18.41
N LYS D 20 -15.61 3.72 19.48
CA LYS D 20 -14.17 3.61 19.33
C LYS D 20 -13.75 2.21 19.73
N TYR D 21 -12.92 1.57 18.93
CA TYR D 21 -12.48 0.21 19.24
C TYR D 21 -11.09 0.17 19.84
N LEU D 22 -11.01 -0.12 21.14
CA LEU D 22 -9.72 -0.16 21.82
C LEU D 22 -9.02 -1.50 21.59
N GLY D 23 -9.76 -2.60 21.70
CA GLY D 23 -9.20 -3.91 21.46
C GLY D 23 -9.99 -5.06 22.05
N GLN D 24 -9.45 -6.27 21.91
CA GLN D 24 -10.09 -7.47 22.45
C GLN D 24 -9.16 -8.21 23.40
N LEU D 25 -9.63 -8.44 24.62
CA LEU D 25 -8.84 -9.16 25.62
C LEU D 25 -9.20 -10.64 25.64
N THR D 26 -8.19 -11.49 25.51
CA THR D 26 -8.38 -12.94 25.48
C THR D 26 -7.77 -13.61 26.71
N SER D 27 -8.11 -14.89 26.90
CA SER D 27 -7.62 -15.67 28.03
C SER D 27 -8.01 -15.07 29.37
N ILE D 28 -9.20 -14.49 29.42
CA ILE D 28 -9.74 -13.94 30.66
C ILE D 28 -10.47 -15.02 31.44
N PRO D 29 -10.25 -15.07 32.77
CA PRO D 29 -10.95 -16.01 33.65
C PRO D 29 -12.46 -15.95 33.44
N GLY D 30 -13.07 -17.11 33.24
CA GLY D 30 -14.48 -17.20 32.92
C GLY D 30 -15.42 -16.75 34.04
N TYR D 31 -14.90 -16.65 35.25
CA TYR D 31 -15.74 -16.25 36.38
C TYR D 31 -15.83 -14.73 36.53
N LEU D 32 -15.38 -13.98 35.52
CA LEU D 32 -15.44 -12.52 35.55
C LEU D 32 -16.88 -12.02 35.70
N ASN D 33 -17.11 -11.13 36.66
CA ASN D 33 -18.43 -10.53 36.85
C ASN D 33 -18.59 -9.25 36.04
N PRO D 34 -19.52 -9.24 35.07
CA PRO D 34 -19.78 -8.03 34.31
C PRO D 34 -20.41 -6.93 35.18
N SER D 35 -20.83 -7.32 36.39
CA SER D 35 -21.34 -6.38 37.38
C SER D 35 -20.22 -5.89 38.28
N SER D 36 -19.01 -6.40 38.08
CA SER D 36 -17.84 -5.97 38.85
C SER D 36 -16.99 -4.98 38.06
N ARG D 37 -16.97 -3.73 38.50
CA ARG D 37 -16.18 -2.67 37.89
C ARG D 37 -14.68 -2.86 38.08
N THR D 38 -14.31 -3.24 39.30
CA THR D 38 -12.92 -3.39 39.68
C THR D 38 -12.21 -4.45 38.86
N GLU D 39 -12.90 -5.54 38.56
CA GLU D 39 -12.35 -6.64 37.78
C GLU D 39 -12.10 -6.23 36.32
N ILE D 40 -13.14 -5.69 35.69
CA ILE D 40 -13.06 -5.24 34.30
C ILE D 40 -11.93 -4.23 34.15
N LEU D 41 -11.92 -3.23 35.04
CA LEU D 41 -10.90 -2.20 35.00
C LEU D 41 -9.52 -2.76 35.35
N HIS D 42 -9.48 -3.85 36.12
CA HIS D 42 -8.23 -4.51 36.44
C HIS D 42 -7.61 -5.08 35.17
N PHE D 43 -8.42 -5.84 34.42
CA PHE D 43 -7.91 -6.46 33.20
C PHE D 43 -7.60 -5.42 32.13
N ILE D 44 -8.37 -4.33 32.11
CA ILE D 44 -8.13 -3.24 31.16
C ILE D 44 -6.82 -2.52 31.47
N ASP D 45 -6.63 -2.14 32.73
CA ASP D 45 -5.41 -1.45 33.15
C ASP D 45 -4.18 -2.31 32.95
N ASN D 46 -4.28 -3.59 33.29
CA ASN D 46 -3.19 -4.52 33.03
C ASN D 46 -2.90 -4.64 31.53
N ALA D 47 -3.96 -4.64 30.72
CA ALA D 47 -3.79 -4.71 29.27
C ALA D 47 -3.08 -3.46 28.76
N LYS D 48 -3.27 -2.35 29.47
CA LYS D 48 -2.61 -1.11 29.09
C LYS D 48 -1.13 -1.13 29.53
N ARG D 49 -0.87 -1.69 30.71
CA ARG D 49 0.51 -1.85 31.18
C ARG D 49 1.24 -2.91 30.38
N ALA D 50 0.49 -3.88 29.86
CA ALA D 50 1.06 -4.92 29.03
C ALA D 50 0.98 -4.48 27.57
N HIS D 51 0.57 -3.22 27.40
CA HIS D 51 0.50 -2.55 26.09
C HIS D 51 -0.40 -3.24 25.06
N GLN D 52 -1.43 -3.94 25.53
CA GLN D 52 -2.39 -4.61 24.66
C GLN D 52 -3.56 -3.70 24.29
N LEU D 53 -3.68 -2.58 25.00
CA LEU D 53 -4.71 -1.59 24.72
C LEU D 53 -4.09 -0.21 24.63
N PRO D 54 -4.66 0.67 23.79
CA PRO D 54 -4.07 2.00 23.68
C PRO D 54 -4.44 2.85 24.88
N GLY D 55 -3.55 3.76 25.26
CA GLY D 55 -3.83 4.71 26.32
C GLY D 55 -4.64 5.89 25.82
N HIS D 56 -4.34 6.30 24.59
CA HIS D 56 -4.94 7.52 24.04
C HIS D 56 -6.10 7.35 23.04
N LEU D 57 -7.07 8.24 23.14
CA LEU D 57 -8.27 8.20 22.32
C LEU D 57 -8.13 9.09 21.08
N THR D 58 -7.40 8.62 20.08
CA THR D 58 -7.29 9.34 18.82
C THR D 58 -8.44 8.77 17.99
N GLN D 59 -8.53 9.13 16.71
CA GLN D 59 -9.68 8.78 15.90
C GLN D 59 -9.31 7.68 14.88
N GLU D 60 -8.09 7.15 15.00
CA GLU D 60 -7.69 5.98 14.23
C GLU D 60 -8.29 4.73 14.86
N HIS D 61 -8.81 4.87 16.07
CA HIS D 61 -9.48 3.74 16.72
C HIS D 61 -10.96 3.99 16.63
N ASP D 62 -11.44 4.33 15.43
CA ASP D 62 -12.84 4.62 15.24
C ASP D 62 -13.48 3.52 14.42
N ALA D 63 -14.51 2.90 14.99
CA ALA D 63 -15.15 1.78 14.32
C ALA D 63 -16.66 1.96 14.34
N VAL D 64 -17.31 1.30 13.40
CA VAL D 64 -18.75 1.25 13.34
C VAL D 64 -19.18 -0.11 13.85
N LEU D 65 -20.14 -0.07 14.77
CA LEU D 65 -20.75 -1.27 15.31
C LEU D 65 -22.13 -1.46 14.69
N SER D 66 -22.26 -2.50 13.88
CA SER D 66 -23.55 -2.84 13.29
C SER D 66 -24.18 -4.00 14.07
N LEU D 67 -25.41 -3.79 14.53
CA LEU D 67 -26.11 -4.75 15.37
C LEU D 67 -27.36 -5.33 14.70
N SER D 68 -27.54 -6.64 14.86
CA SER D 68 -28.71 -7.33 14.34
C SER D 68 -29.05 -8.47 15.30
N ALA D 69 -30.17 -9.15 15.05
CA ALA D 69 -30.62 -10.23 15.93
C ALA D 69 -29.67 -11.42 15.89
N TYR D 70 -28.89 -11.51 14.81
CA TYR D 70 -27.96 -12.61 14.64
C TYR D 70 -26.65 -12.37 15.38
N ASN D 71 -26.08 -11.17 15.21
CA ASN D 71 -24.76 -10.89 15.76
C ASN D 71 -24.39 -9.41 15.86
N VAL D 72 -23.25 -9.16 16.51
CA VAL D 72 -22.66 -7.82 16.54
C VAL D 72 -21.41 -7.78 15.67
N LYS D 73 -21.33 -6.76 14.84
CA LYS D 73 -20.24 -6.62 13.89
C LYS D 73 -19.45 -5.33 14.05
N LEU D 74 -18.12 -5.43 14.08
CA LEU D 74 -17.30 -4.23 14.17
C LEU D 74 -16.39 -4.03 12.96
N ALA D 75 -16.36 -2.82 12.44
CA ALA D 75 -15.49 -2.54 11.29
C ALA D 75 -14.87 -1.15 11.35
N TRP D 76 -13.60 -1.03 10.97
CA TRP D 76 -12.93 0.27 10.97
C TRP D 76 -13.63 1.27 10.08
N ARG D 77 -13.38 2.56 10.33
CA ARG D 77 -13.97 3.62 9.51
C ARG D 77 -12.96 4.06 8.46
N ASP D 78 -11.69 3.84 8.76
CA ASP D 78 -10.61 4.22 7.87
C ASP D 78 -10.62 3.37 6.60
N GLY D 79 -10.48 2.07 6.79
CA GLY D 79 -10.34 1.16 5.67
C GLY D 79 -11.55 0.27 5.45
N GLU D 80 -12.50 0.35 6.38
CA GLU D 80 -13.71 -0.49 6.35
C GLU D 80 -13.33 -1.95 6.57
N ASP D 81 -12.05 -2.16 6.86
CA ASP D 81 -11.56 -3.49 7.20
C ASP D 81 -12.29 -3.98 8.45
N ILE D 82 -12.57 -5.29 8.44
CA ILE D 82 -13.37 -6.03 9.41
C ILE D 82 -12.60 -6.45 10.66
N ILE D 83 -13.08 -6.02 11.83
CA ILE D 83 -12.37 -6.32 13.07
C ILE D 83 -12.80 -7.65 13.68
N LEU D 84 -14.10 -7.79 13.93
CA LEU D 84 -14.62 -9.01 14.56
C LEU D 84 -16.12 -9.23 14.33
N ARG D 85 -16.54 -10.49 14.35
CA ARG D 85 -17.97 -10.80 14.29
C ARG D 85 -18.34 -11.76 15.41
N VAL D 86 -19.16 -11.28 16.33
CA VAL D 86 -19.59 -12.11 17.44
C VAL D 86 -21.09 -12.33 17.43
N PRO D 87 -21.50 -13.60 17.23
CA PRO D 87 -22.90 -14.00 17.31
C PRO D 87 -23.46 -13.73 18.70
N ILE D 88 -24.75 -13.44 18.79
CA ILE D 88 -25.41 -13.11 20.04
C ILE D 88 -25.25 -14.26 21.05
N HIS D 89 -25.18 -15.48 20.53
CA HIS D 89 -25.00 -16.66 21.38
C HIS D 89 -23.61 -16.72 22.00
N ASP D 90 -22.68 -15.92 21.48
CA ASP D 90 -21.33 -15.90 22.02
C ASP D 90 -21.06 -14.75 22.98
N ILE D 91 -22.09 -13.95 23.28
CA ILE D 91 -21.93 -12.87 24.25
C ILE D 91 -22.59 -13.23 25.59
N ALA D 92 -21.80 -13.19 26.65
CA ALA D 92 -22.32 -13.48 27.99
C ALA D 92 -23.03 -12.26 28.59
N ALA D 93 -22.45 -11.08 28.40
CA ALA D 93 -23.04 -9.84 28.95
C ALA D 93 -22.48 -8.57 28.31
N VAL D 94 -23.08 -7.42 28.63
CA VAL D 94 -22.56 -6.12 28.20
C VAL D 94 -22.57 -5.12 29.36
N SER D 95 -21.46 -4.42 29.56
CA SER D 95 -21.32 -3.52 30.71
C SER D 95 -20.85 -2.11 30.34
N TYR D 96 -21.43 -1.11 30.99
CA TYR D 96 -20.96 0.28 30.84
C TYR D 96 -20.09 0.68 32.03
N VAL D 97 -18.79 0.85 31.79
CA VAL D 97 -17.88 1.31 32.82
C VAL D 97 -17.42 2.74 32.52
N ARG D 98 -17.76 3.66 33.42
CA ARG D 98 -17.37 5.06 33.27
C ARG D 98 -16.00 5.38 33.87
N ASP D 99 -15.03 5.61 32.99
CA ASP D 99 -13.75 6.18 33.41
C ASP D 99 -13.81 7.70 33.29
N ASP D 100 -12.70 8.37 33.60
CA ASP D 100 -12.67 9.84 33.67
C ASP D 100 -13.25 10.53 32.44
N ALA D 101 -12.57 10.39 31.30
CA ALA D 101 -13.03 11.02 30.07
C ALA D 101 -13.60 9.98 29.12
N ALA D 102 -13.24 8.72 29.36
CA ALA D 102 -13.67 7.62 28.50
C ALA D 102 -14.91 6.93 29.04
N HIS D 103 -15.95 6.84 28.21
CA HIS D 103 -17.16 6.11 28.56
C HIS D 103 -17.09 4.70 28.00
N LEU D 104 -16.42 3.81 28.72
CA LEU D 104 -16.14 2.46 28.21
C LEU D 104 -17.37 1.57 28.10
N VAL D 105 -17.49 0.91 26.96
CA VAL D 105 -18.51 -0.11 26.76
C VAL D 105 -17.82 -1.45 26.53
N VAL D 106 -17.94 -2.36 27.50
CA VAL D 106 -17.23 -3.63 27.46
C VAL D 106 -18.17 -4.78 27.16
N LEU D 107 -17.86 -5.53 26.12
CA LEU D 107 -18.66 -6.69 25.74
C LEU D 107 -18.01 -7.96 26.30
N LYS D 108 -18.71 -8.60 27.23
CA LYS D 108 -18.30 -9.90 27.76
C LYS D 108 -18.81 -10.97 26.82
N THR D 109 -17.88 -11.55 26.06
CA THR D 109 -18.20 -12.50 25.01
C THR D 109 -17.49 -13.84 25.15
N ALA D 110 -17.96 -14.83 24.41
CA ALA D 110 -17.27 -16.10 24.31
C ALA D 110 -16.00 -15.89 23.49
N GLN D 111 -15.20 -16.93 23.38
CA GLN D 111 -13.91 -16.86 22.69
C GLN D 111 -13.93 -17.60 21.35
N ALA D 144 -12.47 -20.28 29.46
CA ALA D 144 -12.01 -18.90 29.38
C ALA D 144 -13.00 -18.04 28.59
N CYS D 145 -12.82 -16.72 28.64
CA CYS D 145 -13.72 -15.82 27.94
C CYS D 145 -12.97 -14.65 27.30
N CYS D 146 -13.71 -13.79 26.60
CA CYS D 146 -13.13 -12.61 25.97
C CYS D 146 -13.82 -11.29 26.36
N LEU D 147 -13.03 -10.22 26.35
CA LEU D 147 -13.55 -8.87 26.59
C LEU D 147 -13.31 -7.94 25.40
N VAL D 148 -14.39 -7.54 24.73
CA VAL D 148 -14.30 -6.57 23.63
C VAL D 148 -14.40 -5.16 24.21
N ILE D 149 -13.33 -4.40 24.11
CA ILE D 149 -13.27 -3.07 24.74
C ILE D 149 -13.60 -1.94 23.77
N LEU D 150 -14.73 -1.29 24.01
CA LEU D 150 -15.20 -0.18 23.20
C LEU D 150 -15.27 1.11 24.01
N ALA D 151 -15.40 2.24 23.30
CA ALA D 151 -15.52 3.55 23.94
C ALA D 151 -16.57 4.40 23.23
N ALA D 152 -17.66 4.71 23.93
CA ALA D 152 -18.70 5.58 23.39
C ALA D 152 -18.30 7.04 23.48
N GLU D 153 -18.98 7.89 22.70
CA GLU D 153 -18.62 9.30 22.66
C GLU D 153 -19.19 10.08 23.84
N SER D 154 -20.14 9.46 24.54
CA SER D 154 -20.80 10.09 25.67
C SER D 154 -21.49 9.03 26.52
N LYS D 155 -22.03 9.47 27.65
CA LYS D 155 -22.78 8.59 28.55
C LYS D 155 -24.05 8.08 27.87
N VAL D 156 -24.81 9.01 27.29
CA VAL D 156 -26.05 8.67 26.60
C VAL D 156 -25.79 7.69 25.46
N ALA D 157 -24.60 7.78 24.86
CA ALA D 157 -24.20 6.88 23.79
C ALA D 157 -23.97 5.46 24.31
N ALA D 158 -23.30 5.36 25.45
CA ALA D 158 -23.01 4.07 26.06
C ALA D 158 -24.30 3.40 26.55
N GLU D 159 -25.16 4.18 27.19
CA GLU D 159 -26.44 3.69 27.67
C GLU D 159 -27.31 3.29 26.51
N GLU D 160 -27.15 4.01 25.40
CA GLU D 160 -27.93 3.69 24.23
C GLU D 160 -27.47 2.34 23.73
N LEU D 161 -26.15 2.15 23.64
CA LEU D 161 -25.61 0.88 23.18
C LEU D 161 -26.06 -0.30 24.04
N CYS D 162 -26.04 -0.09 25.35
CA CYS D 162 -26.48 -1.13 26.28
C CYS D 162 -27.97 -1.36 26.09
N CYS D 163 -28.71 -0.31 25.78
CA CYS D 163 -30.15 -0.42 25.52
C CYS D 163 -30.46 -1.26 24.28
N LEU D 164 -29.80 -0.96 23.17
CA LEU D 164 -29.99 -1.71 21.94
C LEU D 164 -29.65 -3.18 22.11
N LEU D 165 -28.47 -3.41 22.67
CA LEU D 165 -28.01 -4.76 22.91
C LEU D 165 -28.98 -5.47 23.85
N GLY D 166 -29.50 -4.74 24.83
CA GLY D 166 -30.47 -5.26 25.76
C GLY D 166 -31.74 -5.71 25.08
N GLN D 167 -32.21 -4.90 24.14
CA GLN D 167 -33.39 -5.23 23.35
C GLN D 167 -33.17 -6.50 22.54
N VAL D 168 -31.95 -6.67 22.02
CA VAL D 168 -31.64 -7.86 21.21
C VAL D 168 -31.94 -9.18 21.91
N PHE D 169 -31.64 -9.27 23.21
CA PHE D 169 -31.89 -10.49 23.97
C PHE D 169 -33.36 -10.85 24.08
N VAL E 1 21.95 -16.03 -28.56
CA VAL E 1 21.43 -15.26 -27.43
C VAL E 1 21.28 -16.15 -26.19
N ASP E 2 21.57 -15.58 -25.02
CA ASP E 2 21.54 -16.35 -23.78
C ASP E 2 20.11 -16.74 -23.39
N LYS E 3 19.19 -15.79 -23.51
CA LYS E 3 17.80 -16.06 -23.18
C LYS E 3 16.86 -15.14 -23.94
N VAL E 4 15.77 -15.69 -24.47
CA VAL E 4 14.78 -14.89 -25.17
C VAL E 4 13.37 -15.35 -24.80
N VAL E 5 12.50 -14.39 -24.50
CA VAL E 5 11.10 -14.68 -24.25
C VAL E 5 10.24 -13.87 -25.19
N ILE E 6 9.42 -14.56 -25.97
CA ILE E 6 8.57 -13.93 -26.97
C ILE E 6 7.19 -13.65 -26.40
N ASN E 7 6.65 -12.48 -26.71
CA ASN E 7 5.26 -12.18 -26.41
C ASN E 7 4.43 -12.73 -27.55
N PRO E 8 3.65 -13.78 -27.27
CA PRO E 8 2.85 -14.43 -28.31
C PRO E 8 1.61 -13.61 -28.64
N TYR E 9 1.35 -12.56 -27.88
CA TYR E 9 0.15 -11.75 -28.09
C TYR E 9 0.50 -10.34 -28.57
N PHE E 10 1.72 -10.16 -29.04
CA PHE E 10 2.16 -8.86 -29.55
C PHE E 10 1.31 -8.44 -30.74
N GLY E 11 0.79 -7.20 -30.68
CA GLY E 11 -0.06 -6.68 -31.73
C GLY E 11 -1.49 -7.17 -31.60
N VAL F 1 -8.09 0.78 -19.27
CA VAL F 1 -8.53 1.50 -18.07
C VAL F 1 -9.28 0.55 -17.11
N ASP F 2 -9.05 0.72 -15.82
CA ASP F 2 -9.64 -0.17 -14.81
C ASP F 2 -11.14 0.04 -14.70
N LYS F 3 -11.56 1.29 -14.70
CA LYS F 3 -12.98 1.61 -14.60
C LYS F 3 -13.27 2.96 -15.25
N VAL F 4 -14.34 3.03 -16.03
CA VAL F 4 -14.75 4.29 -16.66
C VAL F 4 -16.26 4.44 -16.59
N VAL F 5 -16.72 5.63 -16.20
CA VAL F 5 -18.14 5.93 -16.20
C VAL F 5 -18.41 7.16 -17.04
N ILE F 6 -19.27 7.01 -18.04
CA ILE F 6 -19.58 8.12 -18.94
C ILE F 6 -20.84 8.85 -18.46
N ASN F 7 -20.79 10.18 -18.49
CA ASN F 7 -21.97 11.00 -18.22
C ASN F 7 -22.78 11.19 -19.49
N PRO F 8 -24.00 10.62 -19.52
CA PRO F 8 -24.85 10.70 -20.71
C PRO F 8 -25.56 12.04 -20.83
N TYR F 9 -25.45 12.86 -19.78
CA TYR F 9 -26.08 14.18 -19.75
C TYR F 9 -25.06 15.31 -19.73
N PHE F 10 -23.83 15.00 -20.15
CA PHE F 10 -22.79 16.00 -20.24
C PHE F 10 -23.25 17.13 -21.16
N GLY F 11 -23.16 18.36 -20.66
CA GLY F 11 -23.62 19.51 -21.40
C GLY F 11 -25.13 19.66 -21.31
N LEU F 12 -25.65 19.62 -20.08
CA LEU F 12 -27.09 19.80 -19.82
C LEU F 12 -27.93 18.73 -20.49
N VAL G 1 11.24 -10.94 -2.93
CA VAL G 1 11.50 -9.90 -1.94
C VAL G 1 12.08 -8.65 -2.58
N ASP G 2 11.65 -7.49 -2.08
CA ASP G 2 12.08 -6.21 -2.65
C ASP G 2 13.55 -5.89 -2.36
N LYS G 3 13.99 -6.13 -1.13
CA LYS G 3 15.38 -5.89 -0.77
C LYS G 3 15.81 -6.74 0.43
N VAL G 4 17.02 -7.30 0.34
CA VAL G 4 17.58 -8.10 1.43
C VAL G 4 19.06 -7.78 1.65
N VAL G 5 19.44 -7.63 2.91
CA VAL G 5 20.84 -7.42 3.27
C VAL G 5 21.29 -8.48 4.28
N ILE G 6 22.32 -9.25 3.91
CA ILE G 6 22.81 -10.32 4.77
C ILE G 6 23.97 -9.88 5.64
N ASN G 7 23.94 -10.28 6.90
CA ASN G 7 25.06 -10.08 7.81
C ASN G 7 26.06 -11.23 7.65
N PRO G 8 27.25 -10.94 7.11
CA PRO G 8 28.27 -11.96 6.86
C PRO G 8 29.01 -12.39 8.12
N TYR G 9 28.76 -11.72 9.23
CA TYR G 9 29.44 -12.02 10.48
C TYR G 9 28.48 -12.58 11.54
N PHE G 10 27.31 -13.03 11.09
CA PHE G 10 26.33 -13.64 11.98
C PHE G 10 26.90 -14.88 12.64
N GLY G 11 26.79 -14.96 13.95
CA GLY G 11 27.32 -16.10 14.70
C GLY G 11 28.81 -15.99 14.93
N VAL H 1 -20.06 -0.61 38.72
CA VAL H 1 -20.39 -0.44 37.30
C VAL H 1 -21.67 0.35 37.11
N ASP H 2 -21.67 1.18 36.08
CA ASP H 2 -22.80 2.04 35.79
C ASP H 2 -24.00 1.28 35.25
N LYS H 3 -23.74 0.33 34.35
CA LYS H 3 -24.80 -0.45 33.71
C LYS H 3 -24.38 -1.85 33.31
N VAL H 4 -25.27 -2.80 33.51
CA VAL H 4 -25.03 -4.20 33.13
C VAL H 4 -26.27 -4.79 32.48
N VAL H 5 -26.07 -5.46 31.34
CA VAL H 5 -27.14 -6.21 30.68
C VAL H 5 -26.67 -7.65 30.49
N ILE H 6 -27.41 -8.60 31.08
CA ILE H 6 -27.06 -10.02 31.06
C ILE H 6 -27.77 -10.80 29.96
N ASN H 7 -27.06 -11.74 29.35
CA ASN H 7 -27.65 -12.64 28.38
C ASN H 7 -28.38 -13.82 29.03
N PRO H 8 -29.72 -13.85 28.90
CA PRO H 8 -30.48 -14.95 29.48
C PRO H 8 -30.40 -16.20 28.60
N TYR H 9 -29.86 -16.07 27.39
CA TYR H 9 -29.75 -17.22 26.47
C TYR H 9 -28.31 -17.60 26.15
N PHE H 10 -27.34 -17.05 26.90
CA PHE H 10 -25.94 -17.37 26.69
C PHE H 10 -25.57 -18.83 26.98
N GLY H 11 -24.83 -19.44 26.05
CA GLY H 11 -24.40 -20.81 26.19
C GLY H 11 -25.46 -21.83 25.79
#